data_6OH8
#
_entry.id   6OH8
#
_cell.length_a   49.960
_cell.length_b   104.160
_cell.length_c   66.530
_cell.angle_alpha   90.000
_cell.angle_beta   111.250
_cell.angle_gamma   90.000
#
_symmetry.space_group_name_H-M   'P 1 21 1'
#
loop_
_entity.id
_entity.type
_entity.pdbx_description
1 polymer 'Labdane-related diterpene synthase'
2 non-polymer DI(HYDROXYETHYL)ETHER
3 non-polymer GLYCEROL
4 water water
#
_entity_poly.entity_id   1
_entity_poly.type   'polypeptide(L)'
_entity_poly.pdbx_seq_one_letter_code
;MTDTDDGGTMLPLPDFTATFPEPFPAGPHSERTEHRLLDWLEEHPLLPSAKAKAVLVNITSHGASRTFPTADADDLLLFA
ELLLWLTAFDDVHAEGNGVGGPAALVDRASELMLVLAGGNPPRAMSPFPAVLHDLLARFRARASAAAYHRLAASLRDTLM
ALVWEAHHVAKPEGVALATYLAMRPHTVFIKTITAAGEILLGYELTDTQRALAAVRNLETAVANLAGWINDLASYEREMQ
RGRGQPLSLPTLLHARHGGTIEEAFTRASSMCENEAAVARRGITHLAHASPNALTAHARALEDITRSFIWHTSHARYQGI
RPNRGSSTSSPARSLQHHHHHH
;
_entity_poly.pdbx_strand_id   A,B
#
loop_
_chem_comp.id
_chem_comp.type
_chem_comp.name
_chem_comp.formula
GOL non-polymer GLYCEROL 'C3 H8 O3'
PEG non-polymer DI(HYDROXYETHYL)ETHER 'C4 H10 O3'
#
# COMPACT_ATOMS: atom_id res chain seq x y z
N MET A 10 9.84 -28.37 -26.81
CA MET A 10 9.58 -26.94 -26.89
C MET A 10 8.80 -26.44 -25.67
N LEU A 11 7.93 -27.32 -25.13
CA LEU A 11 7.00 -27.13 -24.02
C LEU A 11 5.68 -26.65 -24.59
N PRO A 12 4.54 -27.20 -24.15
CA PRO A 12 3.25 -26.76 -24.71
C PRO A 12 2.88 -25.36 -24.24
N LEU A 13 2.51 -24.50 -25.19
CA LEU A 13 2.08 -23.14 -24.97
C LEU A 13 0.66 -22.91 -25.48
N PRO A 14 -0.08 -21.94 -24.94
CA PRO A 14 -1.46 -21.74 -25.37
C PRO A 14 -1.59 -21.00 -26.70
N ASP A 15 -2.73 -21.26 -27.35
CA ASP A 15 -3.12 -20.70 -28.64
C ASP A 15 -4.37 -19.86 -28.44
N PHE A 16 -4.27 -18.55 -28.68
CA PHE A 16 -5.40 -17.64 -28.47
C PHE A 16 -6.05 -17.20 -29.76
N THR A 17 -5.85 -17.93 -30.86
CA THR A 17 -6.43 -17.55 -32.15
C THR A 17 -7.95 -17.39 -32.07
N ALA A 18 -8.64 -18.27 -31.33
CA ALA A 18 -10.10 -18.20 -31.29
C ALA A 18 -10.63 -17.05 -30.44
N THR A 19 -9.81 -16.48 -29.57
CA THR A 19 -10.25 -15.47 -28.59
C THR A 19 -9.58 -14.12 -28.77
N PHE A 20 -8.27 -14.10 -29.01
CA PHE A 20 -7.55 -12.87 -29.28
C PHE A 20 -6.69 -13.06 -30.53
N PRO A 21 -7.31 -13.13 -31.69
CA PRO A 21 -6.56 -13.24 -32.93
C PRO A 21 -5.81 -11.96 -33.22
N GLU A 22 -4.74 -12.11 -33.99
CA GLU A 22 -4.01 -11.01 -34.60
C GLU A 22 -4.80 -10.48 -35.79
N PRO A 23 -4.45 -9.29 -36.33
CA PRO A 23 -3.33 -8.38 -35.99
C PRO A 23 -3.65 -7.55 -34.75
N PHE A 24 -2.66 -7.23 -33.93
CA PHE A 24 -2.91 -6.40 -32.75
C PHE A 24 -2.66 -4.95 -33.10
N PRO A 25 -3.66 -4.08 -33.01
CA PRO A 25 -3.46 -2.67 -33.39
C PRO A 25 -2.35 -2.03 -32.57
N ALA A 26 -1.57 -1.18 -33.24
CA ALA A 26 -0.38 -0.55 -32.67
C ALA A 26 -0.39 0.92 -33.06
N GLY A 27 -0.10 1.79 -32.10
CA GLY A 27 0.02 3.21 -32.34
C GLY A 27 1.25 3.53 -33.16
N PRO A 28 1.35 4.78 -33.61
CA PRO A 28 2.49 5.17 -34.46
C PRO A 28 3.77 5.48 -33.69
N HIS A 29 3.73 5.49 -32.36
CA HIS A 29 4.79 6.15 -31.60
C HIS A 29 5.89 5.22 -31.06
N SER A 30 5.97 3.97 -31.51
CA SER A 30 6.94 3.04 -30.91
C SER A 30 8.37 3.57 -30.97
N GLU A 31 8.79 4.00 -32.16
CA GLU A 31 10.20 4.37 -32.35
C GLU A 31 10.54 5.65 -31.59
N ARG A 32 9.63 6.63 -31.58
CA ARG A 32 9.87 7.85 -30.80
C ARG A 32 10.00 7.52 -29.32
N THR A 33 9.07 6.71 -28.79
CA THR A 33 9.07 6.28 -27.40
C THR A 33 10.36 5.52 -27.06
N GLU A 34 10.81 4.67 -27.98
CA GLU A 34 12.06 3.95 -27.75
C GLU A 34 13.22 4.91 -27.58
N HIS A 35 13.28 5.97 -28.41
CA HIS A 35 14.43 6.87 -28.33
C HIS A 35 14.33 7.75 -27.10
N ARG A 36 13.12 8.23 -26.82
CA ARG A 36 12.90 9.04 -25.63
C ARG A 36 13.15 8.24 -24.36
N LEU A 37 12.91 6.93 -24.37
CA LEU A 37 13.21 6.10 -23.20
C LEU A 37 14.72 5.96 -23.01
N LEU A 38 15.45 5.75 -24.10
CA LEU A 38 16.90 5.62 -23.99
C LEU A 38 17.54 6.90 -23.53
N ASP A 39 17.02 8.06 -23.94
CA ASP A 39 17.55 9.31 -23.42
C ASP A 39 17.27 9.45 -21.94
N TRP A 40 16.03 9.14 -21.53
CA TRP A 40 15.62 9.27 -20.14
C TRP A 40 16.46 8.37 -19.23
N LEU A 41 16.77 7.16 -19.69
CA LEU A 41 17.56 6.24 -18.89
C LEU A 41 19.00 6.68 -18.78
N GLU A 42 19.52 7.39 -19.80
CA GLU A 42 20.85 7.96 -19.66
C GLU A 42 20.87 8.98 -18.53
N GLU A 43 19.78 9.74 -18.38
CA GLU A 43 19.73 10.71 -17.30
C GLU A 43 19.57 10.04 -15.93
N HIS A 44 18.87 8.92 -15.85
CA HIS A 44 18.73 8.18 -14.59
C HIS A 44 18.94 6.71 -14.88
N PRO A 45 20.12 6.18 -14.59
CA PRO A 45 20.38 4.77 -14.89
C PRO A 45 19.71 3.87 -13.87
N LEU A 46 18.75 3.09 -14.33
CA LEU A 46 18.01 2.17 -13.46
C LEU A 46 18.36 0.71 -13.70
N LEU A 47 18.78 0.35 -14.95
CA LEU A 47 19.18 -1.00 -15.32
C LEU A 47 20.70 -1.12 -15.29
N PRO A 48 21.24 -2.22 -14.75
CA PRO A 48 22.69 -2.32 -14.56
C PRO A 48 23.45 -2.54 -15.86
N SER A 49 22.86 -3.25 -16.83
CA SER A 49 23.54 -3.61 -18.07
C SER A 49 23.05 -2.75 -19.23
N ALA A 50 23.85 -2.73 -20.29
CA ALA A 50 23.51 -1.99 -21.51
C ALA A 50 22.70 -2.82 -22.51
N LYS A 51 23.05 -4.10 -22.70
CA LYS A 51 22.27 -4.96 -23.61
C LYS A 51 20.95 -5.29 -22.93
N ALA A 52 20.94 -5.47 -21.61
CA ALA A 52 19.69 -5.56 -20.88
C ALA A 52 18.82 -4.34 -21.14
N LYS A 53 19.41 -3.15 -20.97
CA LYS A 53 18.67 -1.92 -21.21
C LYS A 53 18.06 -1.92 -22.63
N ALA A 54 18.86 -2.28 -23.63
CA ALA A 54 18.39 -2.17 -25.01
C ALA A 54 17.20 -3.08 -25.26
N VAL A 55 17.25 -4.31 -24.75
CA VAL A 55 16.18 -5.26 -25.06
C VAL A 55 14.90 -4.88 -24.32
N LEU A 56 15.03 -4.40 -23.08
CA LEU A 56 13.86 -4.04 -22.29
C LEU A 56 13.19 -2.78 -22.85
N VAL A 57 13.99 -1.75 -23.17
CA VAL A 57 13.43 -0.53 -23.74
C VAL A 57 12.64 -0.84 -25.00
N ASN A 58 13.13 -1.80 -25.79
CA ASN A 58 12.50 -2.09 -27.08
C ASN A 58 11.12 -2.72 -26.91
N ILE A 59 11.03 -3.76 -26.08
CA ILE A 59 9.74 -4.43 -25.94
C ILE A 59 8.77 -3.56 -25.15
N THR A 60 9.28 -2.82 -24.16
CA THR A 60 8.44 -1.88 -23.42
C THR A 60 7.85 -0.81 -24.33
N SER A 61 8.67 -0.26 -25.25
CA SER A 61 8.19 0.83 -26.11
C SER A 61 7.19 0.33 -27.14
N HIS A 62 7.52 -0.77 -27.83
CA HIS A 62 6.63 -1.29 -28.87
C HIS A 62 5.40 -1.94 -28.28
N GLY A 63 5.54 -2.61 -27.13
CA GLY A 63 4.39 -3.13 -26.43
C GLY A 63 3.43 -2.04 -25.99
N ALA A 64 3.97 -0.94 -25.45
CA ALA A 64 3.12 0.17 -25.04
C ALA A 64 2.23 0.63 -26.20
N SER A 65 2.76 0.58 -27.43
CA SER A 65 1.96 0.98 -28.59
C SER A 65 0.81 0.01 -28.85
N ARG A 66 0.95 -1.27 -28.46
CA ARG A 66 -0.22 -2.14 -28.52
C ARG A 66 -1.14 -1.99 -27.30
N THR A 67 -0.59 -1.65 -26.13
CA THR A 67 -1.42 -1.53 -24.94
C THR A 67 -2.40 -0.38 -25.08
N PHE A 68 -1.91 0.77 -25.56
CA PHE A 68 -2.72 1.97 -25.77
C PHE A 68 -2.48 2.47 -27.19
N PRO A 69 -3.10 1.85 -28.18
CA PRO A 69 -2.87 2.25 -29.58
C PRO A 69 -3.39 3.64 -29.89
N THR A 70 -4.30 4.21 -29.10
CA THR A 70 -4.80 5.55 -29.41
C THR A 70 -4.23 6.64 -28.51
N ALA A 71 -3.22 6.34 -27.69
CA ALA A 71 -2.66 7.36 -26.82
C ALA A 71 -1.71 8.26 -27.61
N ASP A 72 -1.61 9.53 -27.18
CA ASP A 72 -0.60 10.37 -27.82
C ASP A 72 0.77 10.07 -27.24
N ALA A 73 1.80 10.61 -27.89
CA ALA A 73 3.16 10.18 -27.63
C ALA A 73 3.60 10.53 -26.19
N ASP A 74 3.18 11.68 -25.68
CA ASP A 74 3.67 12.06 -24.36
C ASP A 74 3.01 11.26 -23.25
N ASP A 75 1.70 11.05 -23.35
CA ASP A 75 1.04 10.09 -22.47
C ASP A 75 1.71 8.72 -22.58
N LEU A 76 2.01 8.28 -23.81
CA LEU A 76 2.55 6.94 -23.98
C LEU A 76 3.92 6.82 -23.33
N LEU A 77 4.79 7.82 -23.53
CA LEU A 77 6.10 7.77 -22.90
C LEU A 77 5.99 7.78 -21.36
N LEU A 78 5.04 8.56 -20.82
CA LEU A 78 4.88 8.56 -19.37
C LEU A 78 4.51 7.17 -18.85
N PHE A 79 3.56 6.48 -19.52
CA PHE A 79 3.25 5.11 -19.16
C PHE A 79 4.47 4.20 -19.33
N ALA A 80 5.11 4.27 -20.49
CA ALA A 80 6.27 3.40 -20.71
C ALA A 80 7.34 3.65 -19.65
N GLU A 81 7.55 4.90 -19.27
CA GLU A 81 8.53 5.20 -18.22
C GLU A 81 8.14 4.56 -16.88
N LEU A 82 6.86 4.60 -16.53
CA LEU A 82 6.41 3.98 -15.28
C LEU A 82 6.59 2.47 -15.32
N LEU A 83 6.17 1.85 -16.43
CA LEU A 83 6.29 0.40 -16.57
C LEU A 83 7.75 -0.04 -16.55
N LEU A 84 8.62 0.75 -17.16
CA LEU A 84 10.04 0.40 -17.13
C LEU A 84 10.63 0.65 -15.76
N TRP A 85 10.26 1.76 -15.13
CA TRP A 85 10.68 1.99 -13.75
C TRP A 85 10.28 0.79 -12.89
N LEU A 86 9.02 0.34 -13.03
CA LEU A 86 8.50 -0.78 -12.24
C LEU A 86 9.23 -2.09 -12.56
N THR A 87 9.40 -2.38 -13.86
CA THR A 87 10.10 -3.60 -14.24
C THR A 87 11.55 -3.58 -13.75
N ALA A 88 12.24 -2.44 -13.88
CA ALA A 88 13.61 -2.34 -13.40
C ALA A 88 13.68 -2.51 -11.89
N PHE A 89 12.72 -1.95 -11.15
CA PHE A 89 12.73 -2.12 -9.71
C PHE A 89 12.59 -3.59 -9.34
N ASP A 90 11.71 -4.30 -10.04
CA ASP A 90 11.51 -5.73 -9.82
C ASP A 90 12.80 -6.51 -10.09
N ASP A 91 13.46 -6.23 -11.22
CA ASP A 91 14.68 -6.96 -11.57
C ASP A 91 15.79 -6.74 -10.56
N VAL A 92 15.92 -5.51 -10.06
CA VAL A 92 17.06 -5.19 -9.20
C VAL A 92 16.85 -5.79 -7.81
N HIS A 93 15.76 -5.40 -7.15
CA HIS A 93 15.56 -5.70 -5.74
C HIS A 93 14.73 -6.94 -5.49
N ALA A 94 13.92 -7.37 -6.44
CA ALA A 94 12.86 -8.33 -6.14
C ALA A 94 13.12 -9.66 -6.86
N GLU A 95 12.15 -10.58 -6.68
CA GLU A 95 12.14 -11.90 -7.32
C GLU A 95 13.45 -12.68 -7.09
N GLY A 96 13.92 -12.65 -5.83
CA GLY A 96 15.13 -13.34 -5.41
C GLY A 96 16.45 -12.69 -5.78
N ASN A 97 16.43 -11.66 -6.63
CA ASN A 97 17.67 -11.10 -7.16
C ASN A 97 18.43 -10.24 -6.16
N GLY A 98 17.85 -9.95 -4.99
CA GLY A 98 18.48 -9.07 -4.03
C GLY A 98 19.39 -9.74 -3.02
N VAL A 99 20.65 -9.31 -2.98
CA VAL A 99 21.55 -9.68 -1.89
C VAL A 99 21.16 -8.89 -0.65
N GLY A 100 21.18 -9.55 0.51
CA GLY A 100 20.56 -9.01 1.70
C GLY A 100 19.14 -9.47 1.95
N GLY A 101 18.55 -10.25 1.04
CA GLY A 101 17.31 -10.90 1.34
C GLY A 101 16.11 -10.01 1.13
N PRO A 102 14.97 -10.39 1.71
CA PRO A 102 13.78 -9.56 1.56
C PRO A 102 13.81 -8.31 2.42
N ALA A 103 14.63 -8.27 3.46
CA ALA A 103 14.72 -7.08 4.30
C ALA A 103 15.23 -5.88 3.49
N ALA A 104 16.16 -6.13 2.57
CA ALA A 104 16.63 -5.07 1.67
C ALA A 104 15.51 -4.60 0.75
N LEU A 105 14.73 -5.53 0.21
CA LEU A 105 13.60 -5.14 -0.63
C LEU A 105 12.57 -4.36 0.18
N VAL A 106 12.30 -4.82 1.41
CA VAL A 106 11.40 -4.09 2.31
C VAL A 106 11.89 -2.67 2.53
N ASP A 107 13.20 -2.50 2.76
CA ASP A 107 13.75 -1.15 2.92
C ASP A 107 13.50 -0.32 1.67
N ARG A 108 13.67 -0.91 0.49
CA ARG A 108 13.45 -0.16 -0.74
C ARG A 108 11.97 0.10 -0.97
N ALA A 109 11.12 -0.91 -0.72
CA ALA A 109 9.68 -0.72 -0.86
C ALA A 109 9.17 0.35 0.08
N SER A 110 9.77 0.45 1.28
CA SER A 110 9.33 1.44 2.26
C SER A 110 9.68 2.87 1.85
N GLU A 111 10.90 3.07 1.32
CA GLU A 111 11.24 4.37 0.71
C GLU A 111 10.22 4.76 -0.34
N LEU A 112 9.75 3.79 -1.14
CA LEU A 112 8.81 4.11 -2.20
C LEU A 112 7.43 4.37 -1.62
N MET A 113 7.06 3.63 -0.58
CA MET A 113 5.81 3.93 0.15
C MET A 113 5.76 5.39 0.59
N LEU A 114 6.90 5.93 1.05
CA LEU A 114 6.96 7.31 1.51
C LEU A 114 6.79 8.31 0.37
N VAL A 115 7.28 7.97 -0.83
CA VAL A 115 6.99 8.83 -1.98
C VAL A 115 5.51 8.78 -2.28
N LEU A 116 4.94 7.57 -2.22
CA LEU A 116 3.52 7.40 -2.51
C LEU A 116 2.65 8.12 -1.50
N ALA A 117 3.05 8.06 -0.22
CA ALA A 117 2.32 8.79 0.82
C ALA A 117 2.41 10.30 0.67
N GLY A 118 3.21 10.80 -0.25
CA GLY A 118 3.38 12.22 -0.45
C GLY A 118 4.73 12.70 0.00
N GLY A 119 4.83 13.98 0.25
CA GLY A 119 6.17 14.26 0.73
C GLY A 119 7.14 14.58 -0.38
N ASN A 120 8.15 15.36 -0.02
CA ASN A 120 8.99 16.11 -0.91
C ASN A 120 9.90 15.21 -1.75
N PRO A 121 10.57 15.75 -2.78
CA PRO A 121 11.53 14.95 -3.55
C PRO A 121 12.57 14.33 -2.65
N PRO A 122 12.78 13.01 -2.77
CA PRO A 122 13.65 12.30 -1.82
C PRO A 122 15.14 12.36 -2.16
N ARG A 123 15.94 12.40 -1.09
CA ARG A 123 17.39 12.34 -1.13
C ARG A 123 17.78 10.94 -0.67
N ALA A 124 17.76 10.00 -1.61
CA ALA A 124 18.01 8.61 -1.29
C ALA A 124 19.20 8.07 -2.08
N MET A 125 19.89 7.07 -1.52
CA MET A 125 21.02 6.48 -2.23
C MET A 125 20.55 5.61 -3.39
N SER A 126 19.35 5.06 -3.31
CA SER A 126 18.77 4.38 -4.47
C SER A 126 18.18 5.42 -5.41
N PRO A 127 18.32 5.23 -6.73
CA PRO A 127 17.74 6.20 -7.69
C PRO A 127 16.24 6.03 -7.92
N PHE A 128 15.64 4.98 -7.41
CA PHE A 128 14.24 4.67 -7.70
C PHE A 128 13.23 5.61 -7.05
N PRO A 129 13.44 6.03 -5.79
CA PRO A 129 12.49 6.99 -5.18
C PRO A 129 12.35 8.30 -5.94
N ALA A 130 13.47 8.89 -6.38
CA ALA A 130 13.40 10.18 -7.07
C ALA A 130 12.68 10.05 -8.40
N VAL A 131 12.90 8.95 -9.13
CA VAL A 131 12.20 8.79 -10.40
C VAL A 131 10.70 8.60 -10.16
N LEU A 132 10.32 7.77 -9.16
CA LEU A 132 8.88 7.61 -8.88
C LEU A 132 8.24 8.94 -8.53
N HIS A 133 8.93 9.76 -7.74
CA HIS A 133 8.40 11.06 -7.36
C HIS A 133 8.05 11.89 -8.59
N ASP A 134 8.94 11.91 -9.59
CA ASP A 134 8.69 12.63 -10.83
C ASP A 134 7.53 12.01 -11.62
N LEU A 135 7.55 10.68 -11.78
CA LEU A 135 6.50 10.00 -12.53
C LEU A 135 5.13 10.24 -11.92
N LEU A 136 5.01 10.11 -10.58
CA LEU A 136 3.72 10.33 -9.92
C LEU A 136 3.20 11.74 -10.13
N ALA A 137 4.11 12.74 -10.08
CA ALA A 137 3.72 14.13 -10.27
C ALA A 137 3.15 14.35 -11.66
N ARG A 138 3.80 13.78 -12.68
CA ARG A 138 3.32 13.96 -14.04
C ARG A 138 1.99 13.24 -14.25
N PHE A 139 1.85 12.05 -13.66
CA PHE A 139 0.54 11.39 -13.67
C PHE A 139 -0.50 12.19 -12.88
N ARG A 140 -0.08 12.78 -11.75
CA ARG A 140 -1.04 13.54 -10.95
C ARG A 140 -1.62 14.71 -11.74
N ALA A 141 -0.77 15.43 -12.45
CA ALA A 141 -1.23 16.55 -13.28
C ALA A 141 -2.09 16.09 -14.46
N ARG A 142 -1.95 14.83 -14.88
N ARG A 142 -1.96 14.84 -14.90
CA ARG A 142 -2.69 14.28 -16.01
CA ARG A 142 -2.73 14.33 -16.02
C ARG A 142 -4.06 13.73 -15.65
C ARG A 142 -4.12 13.86 -15.63
N ALA A 143 -4.34 13.54 -14.36
CA ALA A 143 -5.48 12.76 -13.94
C ALA A 143 -6.37 13.52 -12.98
N SER A 144 -7.61 13.06 -12.89
CA SER A 144 -8.45 13.43 -11.77
C SER A 144 -7.82 12.91 -10.49
N ALA A 145 -8.39 13.31 -9.35
CA ALA A 145 -7.81 12.95 -8.07
C ALA A 145 -8.07 11.49 -7.73
N ALA A 146 -9.28 11.00 -8.01
CA ALA A 146 -9.58 9.61 -7.72
C ALA A 146 -8.76 8.67 -8.59
N ALA A 147 -8.63 9.01 -9.88
CA ALA A 147 -7.83 8.20 -10.79
C ALA A 147 -6.36 8.21 -10.39
N TYR A 148 -5.87 9.33 -9.87
CA TYR A 148 -4.50 9.36 -9.40
C TYR A 148 -4.34 8.43 -8.20
N HIS A 149 -5.24 8.52 -7.25
CA HIS A 149 -5.03 7.70 -6.07
C HIS A 149 -5.27 6.23 -6.33
N ARG A 150 -6.07 5.87 -7.34
CA ARG A 150 -6.16 4.46 -7.71
C ARG A 150 -4.85 3.97 -8.34
N LEU A 151 -4.24 4.77 -9.20
CA LEU A 151 -2.90 4.42 -9.68
C LEU A 151 -1.93 4.24 -8.51
N ALA A 152 -1.95 5.18 -7.55
CA ALA A 152 -0.99 5.11 -6.44
C ALA A 152 -1.26 3.91 -5.56
N ALA A 153 -2.55 3.51 -5.47
CA ALA A 153 -2.96 2.36 -4.69
C ALA A 153 -2.48 1.06 -5.31
N SER A 154 -2.56 0.94 -6.64
CA SER A 154 -2.05 -0.24 -7.32
C SER A 154 -0.54 -0.39 -7.13
N LEU A 155 0.18 0.73 -7.08
CA LEU A 155 1.61 0.65 -6.82
C LEU A 155 1.88 0.17 -5.41
N ARG A 156 1.15 0.71 -4.44
CA ARG A 156 1.29 0.26 -3.04
C ARG A 156 1.02 -1.23 -2.92
N ASP A 157 -0.05 -1.73 -3.57
CA ASP A 157 -0.37 -3.16 -3.48
C ASP A 157 0.70 -4.02 -4.14
N THR A 158 1.19 -3.60 -5.29
CA THR A 158 2.30 -4.33 -5.93
C THR A 158 3.51 -4.41 -5.02
N LEU A 159 3.80 -3.34 -4.27
CA LEU A 159 4.98 -3.37 -3.39
C LEU A 159 4.82 -4.42 -2.29
N MET A 160 3.64 -4.51 -1.70
CA MET A 160 3.42 -5.54 -0.69
C MET A 160 3.49 -6.93 -1.30
N ALA A 161 2.97 -7.09 -2.51
CA ALA A 161 3.00 -8.39 -3.18
C ALA A 161 4.42 -8.82 -3.53
N LEU A 162 5.25 -7.88 -3.99
CA LEU A 162 6.66 -8.21 -4.22
C LEU A 162 7.34 -8.69 -2.93
N VAL A 163 7.03 -8.06 -1.79
CA VAL A 163 7.65 -8.49 -0.53
C VAL A 163 7.18 -9.89 -0.16
N TRP A 164 5.88 -10.17 -0.31
CA TRP A 164 5.36 -11.51 -0.08
C TRP A 164 6.08 -12.54 -0.95
N GLU A 165 6.21 -12.24 -2.25
CA GLU A 165 6.94 -13.11 -3.14
C GLU A 165 8.36 -13.39 -2.63
N ALA A 166 9.04 -12.37 -2.11
CA ALA A 166 10.43 -12.56 -1.69
C ALA A 166 10.53 -13.45 -0.46
N HIS A 167 9.47 -13.55 0.33
CA HIS A 167 9.45 -14.46 1.47
C HIS A 167 9.02 -15.88 1.10
N HIS A 168 8.75 -16.18 -0.17
CA HIS A 168 8.31 -17.52 -0.55
C HIS A 168 9.10 -18.12 -1.69
N VAL A 169 10.05 -17.39 -2.29
CA VAL A 169 10.83 -17.92 -3.41
C VAL A 169 11.67 -19.11 -2.97
N ALA A 170 12.17 -19.10 -1.74
CA ALA A 170 13.01 -20.20 -1.29
C ALA A 170 12.27 -21.54 -1.28
N LYS A 171 10.94 -21.51 -1.10
CA LYS A 171 10.14 -22.74 -0.98
C LYS A 171 8.80 -22.58 -1.69
N PRO A 172 8.81 -22.51 -3.02
CA PRO A 172 7.57 -22.22 -3.76
C PRO A 172 6.42 -23.19 -3.49
N GLU A 173 6.73 -24.46 -3.15
CA GLU A 173 5.67 -25.44 -2.91
C GLU A 173 4.96 -25.23 -1.58
N GLY A 174 5.49 -24.38 -0.70
CA GLY A 174 4.75 -24.01 0.48
C GLY A 174 3.62 -23.02 0.23
N VAL A 175 3.44 -22.60 -1.01
CA VAL A 175 2.41 -21.63 -1.37
C VAL A 175 1.21 -22.38 -1.92
N ALA A 176 0.03 -22.10 -1.36
CA ALA A 176 -1.20 -22.66 -1.90
C ALA A 176 -1.54 -21.98 -3.22
N LEU A 177 -2.00 -22.78 -4.18
CA LEU A 177 -2.37 -22.25 -5.50
C LEU A 177 -3.38 -21.12 -5.38
N ALA A 178 -4.39 -21.27 -4.53
CA ALA A 178 -5.39 -20.22 -4.40
C ALA A 178 -4.74 -18.91 -3.97
N THR A 179 -3.69 -18.99 -3.17
CA THR A 179 -3.01 -17.78 -2.72
C THR A 179 -2.19 -17.17 -3.86
N TYR A 180 -1.44 -18.00 -4.58
CA TYR A 180 -0.66 -17.51 -5.71
C TYR A 180 -1.53 -16.87 -6.78
N LEU A 181 -2.67 -17.50 -7.09
CA LEU A 181 -3.58 -16.93 -8.09
C LEU A 181 -4.11 -15.57 -7.65
N ALA A 182 -4.29 -15.37 -6.34
CA ALA A 182 -4.75 -14.07 -5.85
C ALA A 182 -3.63 -13.03 -5.84
N MET A 183 -2.38 -13.46 -5.63
CA MET A 183 -1.26 -12.55 -5.49
C MET A 183 -0.62 -12.18 -6.83
N ARG A 184 -0.55 -13.12 -7.77
CA ARG A 184 0.20 -12.90 -9.00
C ARG A 184 -0.27 -11.68 -9.81
N PRO A 185 -1.56 -11.33 -9.88
CA PRO A 185 -1.92 -10.09 -10.56
C PRO A 185 -1.17 -8.86 -10.10
N HIS A 186 -0.80 -8.82 -8.81
CA HIS A 186 -0.08 -7.65 -8.29
C HIS A 186 1.39 -7.65 -8.68
N THR A 187 1.99 -8.80 -8.94
CA THR A 187 3.39 -8.80 -9.37
C THR A 187 3.54 -8.77 -10.88
N VAL A 188 2.46 -9.02 -11.66
CA VAL A 188 2.55 -8.87 -13.11
C VAL A 188 2.19 -7.45 -13.55
N PHE A 189 1.69 -6.61 -12.64
CA PHE A 189 1.52 -5.16 -12.78
C PHE A 189 0.23 -4.76 -13.50
N ILE A 190 -0.69 -5.69 -13.75
CA ILE A 190 -1.88 -5.41 -14.54
C ILE A 190 -2.72 -4.30 -13.92
N LYS A 191 -2.76 -4.22 -12.61
CA LYS A 191 -3.59 -3.19 -11.98
C LYS A 191 -3.01 -1.79 -12.21
N THR A 192 -1.69 -1.67 -12.23
CA THR A 192 -1.07 -0.39 -12.54
C THR A 192 -1.24 -0.02 -14.02
N ILE A 193 -1.10 -0.98 -14.93
CA ILE A 193 -1.38 -0.71 -16.34
C ILE A 193 -2.84 -0.31 -16.53
N THR A 194 -3.76 -1.02 -15.85
CA THR A 194 -5.17 -0.64 -16.02
C THR A 194 -5.43 0.74 -15.46
N ALA A 195 -4.87 1.04 -14.26
CA ALA A 195 -5.10 2.36 -13.68
C ALA A 195 -4.48 3.46 -14.54
N ALA A 196 -3.29 3.22 -15.10
CA ALA A 196 -2.70 4.18 -16.02
C ALA A 196 -3.55 4.35 -17.26
N GLY A 197 -4.20 3.26 -17.69
CA GLY A 197 -5.07 3.33 -18.84
C GLY A 197 -6.27 4.23 -18.64
N GLU A 198 -6.89 4.19 -17.46
CA GLU A 198 -8.04 5.06 -17.21
C GLU A 198 -7.63 6.54 -17.30
N ILE A 199 -6.48 6.90 -16.76
CA ILE A 199 -5.99 8.27 -16.84
C ILE A 199 -5.68 8.65 -18.28
N LEU A 200 -4.85 7.84 -18.95
CA LEU A 200 -4.43 8.23 -20.29
C LEU A 200 -5.58 8.17 -21.29
N LEU A 201 -6.50 7.24 -21.12
CA LEU A 201 -7.62 7.14 -22.03
C LEU A 201 -8.80 8.02 -21.64
N GLY A 202 -8.75 8.68 -20.49
CA GLY A 202 -9.79 9.64 -20.17
C GLY A 202 -11.13 9.04 -19.83
N TYR A 203 -11.17 7.88 -19.20
CA TYR A 203 -12.42 7.37 -18.68
C TYR A 203 -12.23 7.01 -17.23
N GLU A 204 -13.35 6.79 -16.56
CA GLU A 204 -13.33 6.53 -15.14
C GLU A 204 -14.60 5.78 -14.76
N LEU A 205 -14.45 4.71 -14.02
CA LEU A 205 -15.61 4.02 -13.50
C LEU A 205 -15.99 4.61 -12.15
N THR A 206 -17.29 4.62 -11.89
CA THR A 206 -17.74 4.83 -10.53
C THR A 206 -17.45 3.56 -9.74
N ASP A 207 -17.40 3.71 -8.42
CA ASP A 207 -17.10 2.57 -7.56
C ASP A 207 -18.20 1.51 -7.60
N THR A 208 -19.43 1.89 -7.94
CA THR A 208 -20.49 0.87 -8.12
C THR A 208 -20.33 0.14 -9.45
N GLN A 209 -19.78 0.82 -10.46
CA GLN A 209 -19.46 0.13 -11.71
C GLN A 209 -18.34 -0.85 -11.49
N ARG A 210 -17.37 -0.50 -10.62
CA ARG A 210 -16.24 -1.40 -10.37
C ARG A 210 -16.67 -2.68 -9.68
N ALA A 211 -17.75 -2.63 -8.89
CA ALA A 211 -18.27 -3.83 -8.25
C ALA A 211 -19.12 -4.70 -9.19
N LEU A 212 -19.44 -4.23 -10.39
CA LEU A 212 -20.22 -5.02 -11.34
C LEU A 212 -19.61 -6.40 -11.54
N ALA A 213 -20.42 -7.45 -11.43
CA ALA A 213 -19.91 -8.78 -11.67
C ALA A 213 -19.22 -8.87 -13.03
N ALA A 214 -19.78 -8.21 -14.05
CA ALA A 214 -19.19 -8.25 -15.40
C ALA A 214 -17.83 -7.58 -15.42
N VAL A 215 -17.68 -6.47 -14.69
CA VAL A 215 -16.38 -5.79 -14.63
C VAL A 215 -15.39 -6.64 -13.86
N ARG A 216 -15.80 -7.13 -12.68
CA ARG A 216 -14.92 -7.93 -11.84
C ARG A 216 -14.47 -9.20 -12.55
N ASN A 217 -15.39 -9.89 -13.21
CA ASN A 217 -15.03 -11.14 -13.86
C ASN A 217 -14.09 -10.90 -15.06
N LEU A 218 -14.32 -9.84 -15.85
CA LEU A 218 -13.43 -9.58 -16.96
C LEU A 218 -12.03 -9.17 -16.45
N GLU A 219 -11.98 -8.33 -15.42
CA GLU A 219 -10.69 -7.94 -14.85
C GLU A 219 -9.94 -9.14 -14.29
N THR A 220 -10.65 -10.02 -13.56
CA THR A 220 -10.01 -11.23 -13.05
C THR A 220 -9.46 -12.10 -14.18
N ALA A 221 -10.26 -12.32 -15.24
CA ALA A 221 -9.80 -13.16 -16.34
C ALA A 221 -8.55 -12.56 -16.99
N VAL A 222 -8.53 -11.25 -17.16
CA VAL A 222 -7.43 -10.56 -17.80
C VAL A 222 -6.17 -10.61 -16.92
N ALA A 223 -6.35 -10.41 -15.61
CA ALA A 223 -5.22 -10.49 -14.70
C ALA A 223 -4.65 -11.91 -14.64
N ASN A 224 -5.53 -12.94 -14.64
CA ASN A 224 -5.04 -14.31 -14.67
C ASN A 224 -4.24 -14.56 -15.94
N LEU A 225 -4.82 -14.20 -17.06
CA LEU A 225 -4.15 -14.37 -18.35
C LEU A 225 -2.76 -13.75 -18.33
N ALA A 226 -2.64 -12.51 -17.85
CA ALA A 226 -1.37 -11.80 -17.90
C ALA A 226 -0.29 -12.46 -17.05
N GLY A 227 -0.60 -12.79 -15.80
CA GLY A 227 0.38 -13.46 -14.96
C GLY A 227 0.76 -14.85 -15.48
N TRP A 228 -0.22 -15.63 -15.95
CA TRP A 228 0.04 -17.01 -16.37
C TRP A 228 0.82 -17.05 -17.66
N ILE A 229 0.45 -16.20 -18.63
CA ILE A 229 1.22 -16.13 -19.88
C ILE A 229 2.65 -15.73 -19.60
N ASN A 230 2.84 -14.82 -18.64
CA ASN A 230 4.19 -14.41 -18.27
C ASN A 230 4.95 -15.54 -17.57
N ASP A 231 4.29 -16.27 -16.66
CA ASP A 231 4.91 -17.43 -16.00
C ASP A 231 5.44 -18.45 -17.03
N LEU A 232 4.65 -18.76 -18.05
CA LEU A 232 5.06 -19.77 -19.02
C LEU A 232 6.22 -19.26 -19.88
N ALA A 233 6.16 -18.01 -20.31
CA ALA A 233 7.23 -17.43 -21.12
C ALA A 233 8.54 -17.28 -20.35
N SER A 234 8.49 -17.21 -19.03
CA SER A 234 9.68 -16.93 -18.25
C SER A 234 10.21 -18.14 -17.51
N TYR A 235 9.53 -19.27 -17.57
CA TYR A 235 9.88 -20.39 -16.70
C TYR A 235 11.28 -20.91 -17.00
N GLU A 236 11.59 -21.12 -18.28
CA GLU A 236 12.87 -21.70 -18.62
C GLU A 236 14.02 -20.77 -18.33
N ARG A 237 13.81 -19.46 -18.48
CA ARG A 237 14.82 -18.48 -18.08
C ARG A 237 15.13 -18.63 -16.60
N GLU A 238 14.11 -18.59 -15.75
CA GLU A 238 14.30 -18.57 -14.30
C GLU A 238 14.54 -19.96 -13.74
N MET A 239 14.45 -20.99 -14.59
CA MET A 239 14.84 -22.33 -14.20
C MET A 239 16.34 -22.51 -14.29
N GLN A 240 16.99 -21.79 -15.21
CA GLN A 240 18.41 -21.94 -15.47
C GLN A 240 19.25 -20.88 -14.78
N ARG A 241 18.67 -20.09 -13.87
CA ARG A 241 19.51 -19.19 -13.09
C ARG A 241 20.10 -19.86 -11.84
N GLY A 242 19.91 -21.18 -11.69
CA GLY A 242 20.63 -21.94 -10.69
C GLY A 242 19.97 -22.05 -9.33
N ARG A 243 18.78 -21.52 -9.16
CA ARG A 243 18.04 -21.75 -7.92
C ARG A 243 16.97 -22.83 -8.19
N GLY A 244 15.94 -22.88 -7.35
CA GLY A 244 14.93 -23.92 -7.51
C GLY A 244 13.98 -23.70 -8.68
N GLN A 245 12.76 -24.22 -8.55
CA GLN A 245 11.73 -23.82 -9.50
C GLN A 245 11.23 -22.43 -9.12
N PRO A 246 10.85 -21.61 -10.11
CA PRO A 246 10.35 -20.28 -9.79
C PRO A 246 9.01 -20.38 -9.07
N LEU A 247 8.62 -19.29 -8.43
CA LEU A 247 7.30 -19.21 -7.84
C LEU A 247 6.34 -18.75 -8.95
N SER A 248 5.76 -19.72 -9.65
CA SER A 248 4.97 -19.46 -10.84
C SER A 248 3.95 -20.58 -11.06
N LEU A 249 3.00 -20.34 -11.98
CA LEU A 249 1.91 -21.29 -12.17
C LEU A 249 2.39 -22.69 -12.49
N PRO A 250 3.25 -22.92 -13.49
CA PRO A 250 3.66 -24.31 -13.79
C PRO A 250 4.32 -25.03 -12.63
N THR A 251 5.21 -24.35 -11.88
CA THR A 251 5.77 -24.92 -10.66
C THR A 251 4.70 -25.42 -9.71
N LEU A 252 3.66 -24.63 -9.45
CA LEU A 252 2.67 -25.07 -8.47
C LEU A 252 1.78 -26.18 -9.00
N LEU A 253 1.48 -26.20 -10.29
CA LEU A 253 0.74 -27.32 -10.88
C LEU A 253 1.58 -28.59 -10.84
N HIS A 254 2.85 -28.47 -11.25
CA HIS A 254 3.84 -29.57 -11.22
C HIS A 254 3.88 -30.18 -9.82
N ALA A 255 3.93 -29.37 -8.75
CA ALA A 255 3.87 -29.89 -7.39
C ALA A 255 2.49 -30.43 -7.03
N ARG A 256 1.43 -29.83 -7.60
CA ARG A 256 0.08 -30.22 -7.21
C ARG A 256 -0.30 -31.56 -7.80
N HIS A 257 0.15 -31.85 -9.03
CA HIS A 257 -0.30 -33.02 -9.75
C HIS A 257 0.82 -34.01 -10.04
N GLY A 258 2.06 -33.71 -9.65
CA GLY A 258 3.17 -34.56 -10.02
C GLY A 258 3.36 -34.61 -11.53
N GLY A 259 3.80 -35.77 -12.00
CA GLY A 259 4.08 -35.81 -13.41
C GLY A 259 5.31 -35.00 -13.72
N THR A 260 5.39 -34.58 -14.99
CA THR A 260 6.50 -33.80 -15.49
C THR A 260 6.11 -32.33 -15.66
N ILE A 261 7.14 -31.49 -15.82
CA ILE A 261 6.91 -30.07 -16.08
C ILE A 261 6.16 -29.88 -17.40
N GLU A 262 6.43 -30.74 -18.39
CA GLU A 262 5.66 -30.70 -19.63
C GLU A 262 4.17 -30.89 -19.39
N GLU A 263 3.81 -31.86 -18.55
CA GLU A 263 2.40 -32.04 -18.22
C GLU A 263 1.86 -30.82 -17.48
N ALA A 264 2.68 -30.19 -16.64
CA ALA A 264 2.23 -28.97 -15.97
C ALA A 264 2.04 -27.85 -16.98
N PHE A 265 2.93 -27.77 -17.98
CA PHE A 265 2.75 -26.75 -19.03
C PHE A 265 1.50 -27.03 -19.84
N THR A 266 1.17 -28.30 -20.07
CA THR A 266 -0.03 -28.62 -20.84
C THR A 266 -1.28 -28.19 -20.09
N ARG A 267 -1.29 -28.40 -18.78
CA ARG A 267 -2.42 -27.99 -17.96
C ARG A 267 -2.52 -26.47 -17.83
N ALA A 268 -1.37 -25.78 -17.80
CA ALA A 268 -1.39 -24.32 -17.74
C ALA A 268 -1.94 -23.72 -19.02
N SER A 269 -1.57 -24.31 -20.17
CA SER A 269 -2.03 -23.82 -21.46
C SER A 269 -3.54 -23.94 -21.57
N SER A 270 -4.11 -25.05 -21.06
CA SER A 270 -5.56 -25.19 -21.08
C SER A 270 -6.20 -24.12 -20.21
N MET A 271 -5.62 -23.87 -19.04
CA MET A 271 -6.13 -22.84 -18.13
C MET A 271 -6.13 -21.47 -18.81
N CYS A 272 -5.07 -21.16 -19.55
CA CYS A 272 -5.00 -19.87 -20.23
C CYS A 272 -6.07 -19.75 -21.31
N GLU A 273 -6.26 -20.79 -22.12
CA GLU A 273 -7.22 -20.69 -23.20
C GLU A 273 -8.64 -20.58 -22.65
N ASN A 274 -8.94 -21.29 -21.56
CA ASN A 274 -10.24 -21.12 -20.90
C ASN A 274 -10.40 -19.71 -20.39
N GLU A 275 -9.35 -19.16 -19.80
CA GLU A 275 -9.41 -17.80 -19.28
C GLU A 275 -9.56 -16.80 -20.42
N ALA A 276 -8.90 -17.07 -21.56
CA ALA A 276 -9.06 -16.19 -22.72
C ALA A 276 -10.50 -16.25 -23.25
N ALA A 277 -11.11 -17.43 -23.24
CA ALA A 277 -12.52 -17.50 -23.65
C ALA A 277 -13.40 -16.72 -22.68
N VAL A 278 -13.10 -16.79 -21.38
CA VAL A 278 -13.85 -16.03 -20.39
C VAL A 278 -13.68 -14.54 -20.66
N ALA A 279 -12.44 -14.10 -20.88
CA ALA A 279 -12.19 -12.70 -21.16
C ALA A 279 -12.92 -12.21 -22.41
N ARG A 280 -12.88 -13.01 -23.48
CA ARG A 280 -13.53 -12.60 -24.73
C ARG A 280 -15.04 -12.47 -24.56
N ARG A 281 -15.67 -13.41 -23.84
CA ARG A 281 -17.10 -13.26 -23.56
C ARG A 281 -17.37 -12.01 -22.71
N GLY A 282 -16.49 -11.72 -21.73
CA GLY A 282 -16.71 -10.54 -20.91
C GLY A 282 -16.59 -9.25 -21.70
N ILE A 283 -15.64 -9.20 -22.64
CA ILE A 283 -15.52 -8.02 -23.51
C ILE A 283 -16.75 -7.89 -24.40
N THR A 284 -17.23 -9.02 -24.93
CA THR A 284 -18.43 -8.99 -25.77
C THR A 284 -19.63 -8.52 -24.96
N HIS A 285 -19.78 -9.06 -23.74
CA HIS A 285 -20.93 -8.70 -22.91
C HIS A 285 -20.90 -7.23 -22.52
N LEU A 286 -19.74 -6.72 -22.09
CA LEU A 286 -19.63 -5.33 -21.68
C LEU A 286 -19.74 -4.37 -22.84
N ALA A 287 -19.42 -4.83 -24.05
CA ALA A 287 -19.47 -3.97 -25.23
C ALA A 287 -20.89 -3.52 -25.57
N HIS A 288 -21.91 -4.10 -24.96
CA HIS A 288 -23.29 -3.76 -25.36
C HIS A 288 -23.69 -2.43 -24.74
N ALA A 289 -23.67 -1.40 -25.60
CA ALA A 289 -24.12 -0.02 -25.34
C ALA A 289 -23.68 0.47 -23.97
N SER A 290 -24.55 0.35 -22.95
CA SER A 290 -24.15 0.59 -21.57
C SER A 290 -23.66 2.03 -21.34
N PRO A 291 -23.30 2.39 -20.10
CA PRO A 291 -22.64 3.69 -19.89
C PRO A 291 -21.33 3.72 -20.66
N ASN A 292 -20.96 4.92 -21.10
CA ASN A 292 -19.75 5.06 -21.90
C ASN A 292 -18.51 4.56 -21.17
N ALA A 293 -18.50 4.60 -19.84
CA ALA A 293 -17.30 4.17 -19.11
C ALA A 293 -17.15 2.66 -19.11
N LEU A 294 -18.25 1.92 -19.07
CA LEU A 294 -18.17 0.47 -19.14
C LEU A 294 -17.61 0.00 -20.48
N THR A 295 -18.10 0.56 -21.59
CA THR A 295 -17.64 0.08 -22.88
C THR A 295 -16.22 0.53 -23.18
N ALA A 296 -15.82 1.69 -22.67
CA ALA A 296 -14.43 2.09 -22.87
C ALA A 296 -13.50 1.18 -22.08
N HIS A 297 -13.94 0.73 -20.92
CA HIS A 297 -13.16 -0.18 -20.09
C HIS A 297 -12.97 -1.53 -20.80
N ALA A 298 -14.05 -2.10 -21.34
CA ALA A 298 -13.96 -3.35 -22.09
C ALA A 298 -12.96 -3.23 -23.24
N ARG A 299 -13.02 -2.13 -23.99
CA ARG A 299 -12.06 -1.92 -25.08
C ARG A 299 -10.64 -1.72 -24.55
N ALA A 300 -10.49 -1.05 -23.40
CA ALA A 300 -9.14 -0.85 -22.86
C ALA A 300 -8.55 -2.18 -22.42
N LEU A 301 -9.36 -3.02 -21.76
CA LEU A 301 -8.89 -4.33 -21.30
C LEU A 301 -8.65 -5.27 -22.48
N GLU A 302 -9.44 -5.12 -23.55
CA GLU A 302 -9.15 -5.89 -24.76
C GLU A 302 -7.74 -5.60 -25.28
N ASP A 303 -7.41 -4.32 -25.43
CA ASP A 303 -6.09 -3.96 -25.98
C ASP A 303 -4.97 -4.32 -25.03
N ILE A 304 -5.19 -4.15 -23.71
CA ILE A 304 -4.19 -4.54 -22.71
C ILE A 304 -3.90 -6.03 -22.83
N THR A 305 -4.95 -6.84 -22.99
CA THR A 305 -4.78 -8.28 -23.17
C THR A 305 -4.01 -8.58 -24.45
N ARG A 306 -4.37 -7.91 -25.55
CA ARG A 306 -3.65 -8.09 -26.80
C ARG A 306 -2.16 -7.85 -26.66
N SER A 307 -1.76 -6.81 -25.91
CA SER A 307 -0.33 -6.55 -25.83
C SER A 307 0.38 -7.56 -24.93
N PHE A 308 -0.31 -8.14 -23.94
CA PHE A 308 0.35 -9.17 -23.15
C PHE A 308 0.62 -10.40 -23.98
N ILE A 309 -0.35 -10.78 -24.84
CA ILE A 309 -0.17 -11.85 -25.80
C ILE A 309 0.87 -11.48 -26.86
N TRP A 310 0.82 -10.25 -27.37
CA TRP A 310 1.78 -9.80 -28.38
C TRP A 310 3.20 -9.87 -27.85
N HIS A 311 3.36 -9.56 -26.56
CA HIS A 311 4.66 -9.56 -25.91
C HIS A 311 5.39 -10.87 -26.10
N THR A 312 4.66 -12.00 -25.99
CA THR A 312 5.31 -13.29 -26.13
C THR A 312 5.77 -13.53 -27.56
N SER A 313 4.95 -13.11 -28.53
CA SER A 313 5.31 -13.25 -29.94
C SER A 313 6.56 -12.45 -30.27
N HIS A 314 6.57 -11.15 -29.91
CA HIS A 314 7.78 -10.33 -30.01
C HIS A 314 8.96 -11.07 -29.36
N ALA A 315 9.48 -12.07 -30.05
CA ALA A 315 10.55 -12.95 -29.60
C ALA A 315 11.00 -13.79 -30.80
N MET B 10 13.00 6.49 36.92
CA MET B 10 11.66 7.04 36.71
C MET B 10 11.55 7.56 35.26
N LEU B 11 12.67 8.06 34.74
CA LEU B 11 12.88 8.57 33.39
C LEU B 11 12.04 9.81 33.07
N PRO B 12 12.66 10.86 32.54
CA PRO B 12 11.94 12.12 32.29
C PRO B 12 10.93 12.00 31.15
N LEU B 13 9.76 12.59 31.38
CA LEU B 13 8.65 12.69 30.43
C LEU B 13 8.46 14.12 29.97
N PRO B 14 7.90 14.34 28.79
CA PRO B 14 7.64 15.70 28.33
C PRO B 14 6.39 16.27 28.97
N ASP B 15 6.34 17.59 29.03
CA ASP B 15 5.27 18.33 29.67
C ASP B 15 4.53 19.12 28.61
N PHE B 16 3.25 18.80 28.41
CA PHE B 16 2.48 19.50 27.40
C PHE B 16 1.50 20.52 27.99
N THR B 17 1.68 20.90 29.27
CA THR B 17 0.77 21.87 29.87
C THR B 17 0.72 23.15 29.03
N ALA B 18 1.89 23.65 28.60
CA ALA B 18 2.00 24.93 27.90
C ALA B 18 1.58 24.88 26.43
N THR B 19 1.39 23.69 25.86
CA THR B 19 1.09 23.55 24.44
C THR B 19 -0.27 22.90 24.18
N PHE B 20 -0.59 21.86 24.93
CA PHE B 20 -1.91 21.23 24.92
C PHE B 20 -2.37 21.04 26.37
N PRO B 21 -2.75 22.12 27.04
CA PRO B 21 -3.22 22.02 28.43
C PRO B 21 -4.52 21.26 28.58
N GLU B 22 -4.67 20.63 29.76
CA GLU B 22 -5.99 20.15 30.15
C GLU B 22 -6.81 21.32 30.69
N PRO B 23 -8.15 21.20 30.70
CA PRO B 23 -8.98 20.03 30.35
C PRO B 23 -9.10 19.75 28.84
N PHE B 24 -9.25 18.47 28.53
CA PHE B 24 -9.47 17.98 27.18
C PHE B 24 -10.94 17.74 26.94
N PRO B 25 -11.51 18.34 25.89
CA PRO B 25 -12.92 18.09 25.57
C PRO B 25 -13.15 16.59 25.34
N ALA B 26 -14.29 16.11 25.82
CA ALA B 26 -14.62 14.69 25.71
C ALA B 26 -16.09 14.56 25.33
N GLY B 27 -16.37 13.74 24.33
CA GLY B 27 -17.74 13.52 23.93
C GLY B 27 -18.51 12.75 24.98
N PRO B 28 -19.84 12.73 24.84
CA PRO B 28 -20.68 12.06 25.84
C PRO B 28 -20.79 10.56 25.65
N HIS B 29 -20.31 10.02 24.53
CA HIS B 29 -20.70 8.68 24.11
C HIS B 29 -19.76 7.61 24.63
N SER B 30 -18.89 7.96 25.57
CA SER B 30 -17.85 7.03 26.02
C SER B 30 -18.44 5.71 26.47
N GLU B 31 -19.47 5.76 27.33
CA GLU B 31 -19.96 4.53 27.95
C GLU B 31 -20.71 3.67 26.94
N ARG B 32 -21.55 4.27 26.09
CA ARG B 32 -22.28 3.45 25.09
C ARG B 32 -21.29 2.84 24.11
N THR B 33 -20.32 3.64 23.60
CA THR B 33 -19.30 3.10 22.71
C THR B 33 -18.63 1.86 23.30
N GLU B 34 -18.28 1.92 24.59
CA GLU B 34 -17.65 0.78 25.24
C GLU B 34 -18.51 -0.47 25.13
N HIS B 35 -19.82 -0.33 25.33
CA HIS B 35 -20.68 -1.51 25.33
C HIS B 35 -21.05 -1.97 23.93
N ARG B 36 -21.32 -1.05 23.00
CA ARG B 36 -21.53 -1.48 21.61
C ARG B 36 -20.26 -2.09 21.02
N LEU B 37 -19.07 -1.66 21.50
CA LEU B 37 -17.83 -2.29 21.03
C LEU B 37 -17.73 -3.72 21.50
N LEU B 38 -18.11 -3.98 22.75
CA LEU B 38 -18.10 -5.35 23.26
C LEU B 38 -19.12 -6.22 22.54
N ASP B 39 -20.23 -5.64 22.08
CA ASP B 39 -21.18 -6.41 21.27
C ASP B 39 -20.55 -6.85 19.96
N TRP B 40 -19.89 -5.91 19.29
CA TRP B 40 -19.26 -6.16 18.01
C TRP B 40 -18.17 -7.25 18.10
N LEU B 41 -17.44 -7.27 19.21
CA LEU B 41 -16.34 -8.24 19.36
C LEU B 41 -16.82 -9.68 19.50
N GLU B 42 -18.03 -9.91 20.03
CA GLU B 42 -18.53 -11.28 20.13
C GLU B 42 -18.61 -11.96 18.78
N GLU B 43 -19.02 -11.21 17.75
CA GLU B 43 -19.19 -11.77 16.41
C GLU B 43 -17.85 -12.07 15.74
N HIS B 44 -16.79 -11.33 16.09
CA HIS B 44 -15.47 -11.58 15.55
C HIS B 44 -14.44 -11.42 16.67
N PRO B 45 -13.90 -12.52 17.18
CA PRO B 45 -12.92 -12.45 18.28
C PRO B 45 -11.56 -12.04 17.74
N LEU B 46 -11.08 -10.88 18.19
CA LEU B 46 -9.81 -10.34 17.74
C LEU B 46 -8.72 -10.37 18.81
N LEU B 47 -9.09 -10.22 20.08
CA LEU B 47 -8.06 -10.30 21.11
C LEU B 47 -8.09 -11.66 21.80
N PRO B 48 -6.92 -12.21 22.13
CA PRO B 48 -6.88 -13.59 22.64
C PRO B 48 -7.41 -13.73 24.06
N SER B 49 -7.27 -12.71 24.88
CA SER B 49 -7.69 -12.71 26.28
C SER B 49 -8.96 -11.89 26.46
N ALA B 50 -9.57 -12.05 27.63
CA ALA B 50 -10.73 -11.26 27.99
C ALA B 50 -10.34 -9.94 28.65
N LYS B 51 -9.33 -9.96 29.54
CA LYS B 51 -8.86 -8.72 30.15
C LYS B 51 -8.10 -7.86 29.15
N ALA B 52 -7.36 -8.48 28.24
CA ALA B 52 -6.85 -7.71 27.11
C ALA B 52 -7.99 -7.00 26.41
N LYS B 53 -9.06 -7.76 26.09
CA LYS B 53 -10.24 -7.18 25.45
C LYS B 53 -10.83 -6.06 26.28
N ALA B 54 -11.05 -6.30 27.57
CA ALA B 54 -11.74 -5.31 28.40
C ALA B 54 -10.95 -4.03 28.52
N VAL B 55 -9.64 -4.12 28.69
CA VAL B 55 -8.86 -2.91 28.90
C VAL B 55 -8.73 -2.13 27.59
N LEU B 56 -8.62 -2.83 26.47
CA LEU B 56 -8.48 -2.16 25.18
C LEU B 56 -9.77 -1.45 24.78
N VAL B 57 -10.92 -2.14 24.91
CA VAL B 57 -12.21 -1.53 24.61
C VAL B 57 -12.40 -0.27 25.44
N ASN B 58 -11.98 -0.32 26.70
CA ASN B 58 -12.24 0.81 27.58
C ASN B 58 -11.42 2.02 27.15
N ILE B 59 -10.12 1.83 26.92
CA ILE B 59 -9.24 2.95 26.56
C ILE B 59 -9.55 3.45 25.15
N THR B 60 -9.90 2.54 24.25
CA THR B 60 -10.31 2.95 22.92
C THR B 60 -11.55 3.86 22.97
N SER B 61 -12.54 3.49 23.79
CA SER B 61 -13.78 4.26 23.86
C SER B 61 -13.55 5.63 24.48
N HIS B 62 -12.89 5.68 25.64
CA HIS B 62 -12.66 6.98 26.26
C HIS B 62 -11.63 7.77 25.47
N GLY B 63 -10.64 7.10 24.90
CA GLY B 63 -9.76 7.78 23.95
C GLY B 63 -10.52 8.27 22.73
N ALA B 64 -11.36 7.40 22.14
CA ALA B 64 -12.14 7.83 20.97
C ALA B 64 -12.96 9.08 21.28
N SER B 65 -13.42 9.22 22.53
CA SER B 65 -14.24 10.37 22.92
C SER B 65 -13.45 11.67 22.97
N ARG B 66 -12.15 11.60 23.28
CA ARG B 66 -11.30 12.80 23.17
C ARG B 66 -10.86 13.07 21.73
N THR B 67 -10.66 12.02 20.93
CA THR B 67 -10.19 12.22 19.55
C THR B 67 -11.22 13.02 18.74
N PHE B 68 -12.49 12.64 18.84
CA PHE B 68 -13.58 13.31 18.13
C PHE B 68 -14.72 13.59 19.11
N PRO B 69 -14.58 14.63 19.94
CA PRO B 69 -15.66 14.89 20.92
C PRO B 69 -16.98 15.29 20.26
N THR B 70 -16.92 16.10 19.20
CA THR B 70 -18.14 16.43 18.46
C THR B 70 -18.75 15.21 17.79
N ALA B 71 -18.00 14.12 17.66
CA ALA B 71 -18.46 12.76 17.39
C ALA B 71 -19.78 12.64 16.66
N ASP B 72 -20.63 11.75 17.19
CA ASP B 72 -21.81 11.14 16.57
C ASP B 72 -21.74 9.69 16.99
N ALA B 73 -22.67 9.24 17.82
CA ALA B 73 -22.50 7.96 18.50
C ALA B 73 -22.22 6.84 17.50
N ASP B 74 -22.95 6.82 16.38
CA ASP B 74 -22.73 5.79 15.39
C ASP B 74 -21.37 5.92 14.75
N ASP B 75 -20.95 7.16 14.49
CA ASP B 75 -19.68 7.42 13.84
C ASP B 75 -18.51 7.05 14.75
N LEU B 76 -18.52 7.56 15.98
CA LEU B 76 -17.44 7.27 16.93
C LEU B 76 -17.26 5.77 17.10
N LEU B 77 -18.37 5.02 17.13
CA LEU B 77 -18.25 3.57 17.22
C LEU B 77 -17.55 2.98 16.00
N LEU B 78 -17.86 3.51 14.81
CA LEU B 78 -17.20 3.03 13.60
C LEU B 78 -15.69 3.34 13.64
N PHE B 79 -15.32 4.56 14.02
CA PHE B 79 -13.90 4.87 14.20
C PHE B 79 -13.26 3.97 15.22
N ALA B 80 -13.88 3.86 16.40
CA ALA B 80 -13.32 3.05 17.48
C ALA B 80 -13.11 1.61 17.05
N GLU B 81 -14.05 1.08 16.25
CA GLU B 81 -13.88 -0.27 15.73
C GLU B 81 -12.65 -0.35 14.82
N LEU B 82 -12.44 0.68 13.98
CA LEU B 82 -11.29 0.67 13.09
C LEU B 82 -9.99 0.78 13.89
N LEU B 83 -9.95 1.74 14.82
CA LEU B 83 -8.74 1.92 15.62
C LEU B 83 -8.44 0.66 16.44
N LEU B 84 -9.48 -0.01 16.94
CA LEU B 84 -9.27 -1.21 17.75
C LEU B 84 -8.87 -2.41 16.88
N TRP B 85 -9.47 -2.54 15.71
CA TRP B 85 -9.02 -3.55 14.75
C TRP B 85 -7.53 -3.37 14.46
N LEU B 86 -7.13 -2.12 14.19
CA LEU B 86 -5.75 -1.79 13.87
C LEU B 86 -4.82 -2.09 15.03
N THR B 87 -5.19 -1.65 16.24
CA THR B 87 -4.38 -1.90 17.43
C THR B 87 -4.29 -3.41 17.72
N ALA B 88 -5.41 -4.13 17.59
CA ALA B 88 -5.41 -5.58 17.81
C ALA B 88 -4.54 -6.30 16.80
N PHE B 89 -4.58 -5.88 15.53
CA PHE B 89 -3.74 -6.54 14.53
C PHE B 89 -2.27 -6.36 14.86
N ASP B 90 -1.88 -5.15 15.25
CA ASP B 90 -0.51 -4.89 15.64
C ASP B 90 -0.10 -5.77 16.83
N ASP B 91 -0.92 -5.77 17.89
CA ASP B 91 -0.55 -6.52 19.09
C ASP B 91 -0.44 -8.01 18.80
N VAL B 92 -1.33 -8.52 17.93
CA VAL B 92 -1.37 -9.95 17.64
C VAL B 92 -0.27 -10.35 16.65
N HIS B 93 -0.33 -9.85 15.42
CA HIS B 93 0.58 -10.36 14.37
C HIS B 93 1.84 -9.52 14.23
N ALA B 94 2.01 -8.43 14.98
CA ALA B 94 3.14 -7.53 14.75
C ALA B 94 3.82 -7.12 16.06
N GLU B 95 4.16 -8.09 16.89
CA GLU B 95 4.96 -7.76 18.06
C GLU B 95 5.86 -8.96 18.38
N GLY B 96 6.33 -9.02 19.61
CA GLY B 96 7.30 -10.01 20.00
C GLY B 96 8.69 -9.62 19.50
N ASN B 97 9.67 -10.40 19.95
CA ASN B 97 11.06 -10.06 19.69
C ASN B 97 11.46 -10.29 18.24
N GLY B 98 10.57 -10.87 17.43
CA GLY B 98 10.92 -11.20 16.07
C GLY B 98 11.64 -12.51 15.89
N VAL B 99 11.56 -13.42 16.89
CA VAL B 99 12.04 -14.78 16.68
C VAL B 99 11.05 -15.52 15.78
N GLY B 100 11.59 -16.23 14.80
CA GLY B 100 10.79 -16.76 13.73
C GLY B 100 10.56 -15.80 12.60
N GLY B 101 10.92 -14.53 12.79
CA GLY B 101 10.99 -13.55 11.73
C GLY B 101 9.70 -12.88 11.32
N PRO B 102 9.79 -12.04 10.29
CA PRO B 102 8.63 -11.27 9.80
C PRO B 102 7.73 -11.94 8.78
N ALA B 103 8.08 -13.12 8.27
CA ALA B 103 7.31 -13.73 7.17
C ALA B 103 5.86 -13.97 7.54
N ALA B 104 5.58 -14.33 8.80
CA ALA B 104 4.17 -14.54 9.19
C ALA B 104 3.38 -13.24 9.11
N LEU B 105 3.97 -12.14 9.58
CA LEU B 105 3.29 -10.86 9.46
C LEU B 105 3.14 -10.44 7.99
N VAL B 106 4.16 -10.70 7.16
CA VAL B 106 4.04 -10.40 5.74
C VAL B 106 2.84 -11.12 5.13
N ASP B 107 2.66 -12.40 5.47
CA ASP B 107 1.51 -13.16 4.97
C ASP B 107 0.20 -12.53 5.44
N ARG B 108 0.13 -12.07 6.69
CA ARG B 108 -1.10 -11.47 7.18
C ARG B 108 -1.36 -10.13 6.52
N ALA B 109 -0.30 -9.32 6.34
CA ALA B 109 -0.44 -8.04 5.67
C ALA B 109 -0.87 -8.18 4.23
N SER B 110 -0.44 -9.26 3.55
CA SER B 110 -0.80 -9.48 2.16
C SER B 110 -2.28 -9.86 2.03
N GLU B 111 -2.79 -10.70 2.95
CA GLU B 111 -4.23 -10.95 3.00
C GLU B 111 -5.00 -9.65 3.14
N LEU B 112 -4.50 -8.71 3.92
CA LEU B 112 -5.21 -7.47 4.13
C LEU B 112 -5.10 -6.55 2.92
N MET B 113 -3.95 -6.59 2.23
CA MET B 113 -3.82 -5.88 0.95
C MET B 113 -4.89 -6.35 -0.03
N LEU B 114 -5.13 -7.66 -0.08
CA LEU B 114 -6.12 -8.17 -1.01
C LEU B 114 -7.51 -7.64 -0.70
N VAL B 115 -7.81 -7.43 0.58
CA VAL B 115 -9.10 -6.82 0.96
C VAL B 115 -9.13 -5.36 0.53
N LEU B 116 -8.03 -4.63 0.75
CA LEU B 116 -8.00 -3.23 0.37
C LEU B 116 -8.11 -3.07 -1.14
N ALA B 117 -7.49 -3.98 -1.89
CA ALA B 117 -7.60 -3.99 -3.34
C ALA B 117 -9.01 -4.38 -3.82
N GLY B 118 -9.87 -4.91 -2.95
CA GLY B 118 -11.26 -5.19 -3.25
C GLY B 118 -11.46 -6.53 -3.94
N GLY B 119 -12.70 -6.80 -4.35
CA GLY B 119 -12.96 -7.95 -5.20
C GLY B 119 -13.20 -9.30 -4.54
N ASN B 120 -13.28 -9.37 -3.20
CA ASN B 120 -13.35 -10.64 -2.47
C ASN B 120 -12.19 -11.61 -2.77
N PRO B 121 -11.07 -11.44 -2.06
CA PRO B 121 -9.94 -12.40 -2.14
C PRO B 121 -10.34 -13.77 -1.61
N PRO B 122 -9.41 -14.74 -1.57
CA PRO B 122 -9.74 -16.04 -1.00
C PRO B 122 -9.75 -15.98 0.53
N ARG B 123 -10.60 -16.82 1.11
CA ARG B 123 -10.85 -16.73 2.54
C ARG B 123 -9.62 -17.09 3.36
N ALA B 124 -9.49 -16.42 4.51
CA ALA B 124 -8.35 -16.58 5.40
C ALA B 124 -8.86 -17.03 6.76
N MET B 125 -8.07 -17.87 7.42
CA MET B 125 -8.41 -18.38 8.74
C MET B 125 -8.18 -17.36 9.85
N SER B 126 -7.48 -16.25 9.55
CA SER B 126 -7.48 -15.11 10.47
C SER B 126 -8.79 -14.34 10.34
N PRO B 127 -9.34 -13.83 11.44
CA PRO B 127 -10.55 -12.99 11.36
C PRO B 127 -10.29 -11.55 10.97
N PHE B 128 -9.04 -11.13 10.83
CA PHE B 128 -8.78 -9.71 10.57
C PHE B 128 -9.19 -9.26 9.17
N PRO B 129 -8.99 -10.05 8.12
CA PRO B 129 -9.50 -9.62 6.80
C PRO B 129 -11.01 -9.39 6.77
N ALA B 130 -11.79 -10.28 7.40
CA ALA B 130 -13.24 -10.16 7.31
C ALA B 130 -13.74 -8.90 8.00
N VAL B 131 -13.17 -8.57 9.16
CA VAL B 131 -13.60 -7.36 9.86
C VAL B 131 -13.18 -6.13 9.08
N LEU B 132 -11.95 -6.12 8.56
CA LEU B 132 -11.52 -5.00 7.73
C LEU B 132 -12.47 -4.80 6.55
N HIS B 133 -12.85 -5.89 5.90
CA HIS B 133 -13.75 -5.80 4.75
C HIS B 133 -15.02 -5.03 5.12
N ASP B 134 -15.62 -5.39 6.25
CA ASP B 134 -16.85 -4.73 6.71
C ASP B 134 -16.59 -3.29 7.12
N LEU B 135 -15.49 -3.03 7.83
CA LEU B 135 -15.16 -1.66 8.21
C LEU B 135 -14.98 -0.78 6.98
N LEU B 136 -14.26 -1.26 5.97
CA LEU B 136 -14.11 -0.50 4.74
C LEU B 136 -15.46 -0.24 4.09
N ALA B 137 -16.34 -1.25 4.07
CA ALA B 137 -17.64 -1.10 3.44
C ALA B 137 -18.46 -0.03 4.13
N ARG B 138 -18.44 0.01 5.46
CA ARG B 138 -19.20 1.04 6.17
C ARG B 138 -18.57 2.41 6.00
N PHE B 139 -17.24 2.48 5.98
CA PHE B 139 -16.59 3.75 5.69
C PHE B 139 -16.85 4.18 4.25
N ARG B 140 -16.88 3.22 3.33
CA ARG B 140 -17.10 3.58 1.93
C ARG B 140 -18.43 4.31 1.77
N ALA B 141 -19.49 3.81 2.42
CA ALA B 141 -20.80 4.45 2.31
C ALA B 141 -20.78 5.84 2.91
N ARG B 142 -20.27 5.96 4.13
CA ARG B 142 -20.32 7.22 4.85
C ARG B 142 -19.40 8.27 4.24
N ALA B 143 -18.43 7.88 3.42
CA ALA B 143 -17.41 8.79 2.95
C ALA B 143 -17.66 9.24 1.51
N SER B 144 -17.09 10.39 1.16
CA SER B 144 -16.95 10.65 -0.26
C SER B 144 -15.98 9.63 -0.84
N ALA B 145 -15.85 9.66 -2.15
CA ALA B 145 -15.04 8.64 -2.77
C ALA B 145 -13.55 8.93 -2.60
N ALA B 146 -13.15 10.20 -2.75
CA ALA B 146 -11.75 10.54 -2.56
C ALA B 146 -11.35 10.36 -1.09
N ALA B 147 -12.23 10.75 -0.17
CA ALA B 147 -12.01 10.55 1.25
C ALA B 147 -11.89 9.08 1.59
N TYR B 148 -12.61 8.22 0.88
CA TYR B 148 -12.50 6.79 1.13
C TYR B 148 -11.13 6.27 0.75
N HIS B 149 -10.65 6.60 -0.44
CA HIS B 149 -9.37 6.05 -0.90
C HIS B 149 -8.19 6.63 -0.16
N ARG B 150 -8.30 7.84 0.35
CA ARG B 150 -7.24 8.35 1.20
C ARG B 150 -7.17 7.54 2.49
N LEU B 151 -8.33 7.25 3.10
CA LEU B 151 -8.37 6.33 4.23
C LEU B 151 -7.76 4.98 3.88
N ALA B 152 -8.16 4.40 2.75
CA ALA B 152 -7.62 3.08 2.40
C ALA B 152 -6.13 3.15 2.12
N ALA B 153 -5.65 4.29 1.62
CA ALA B 153 -4.21 4.42 1.36
C ALA B 153 -3.40 4.46 2.66
N SER B 154 -3.89 5.18 3.68
CA SER B 154 -3.16 5.25 4.95
C SER B 154 -3.06 3.89 5.61
N LEU B 155 -4.08 3.04 5.43
CA LEU B 155 -4.02 1.66 5.92
C LEU B 155 -2.97 0.85 5.15
N ARG B 156 -2.90 1.03 3.84
CA ARG B 156 -1.85 0.39 3.04
C ARG B 156 -0.45 0.79 3.51
N ASP B 157 -0.24 2.08 3.79
CA ASP B 157 1.08 2.53 4.24
C ASP B 157 1.41 2.01 5.63
N THR B 158 0.42 2.02 6.52
CA THR B 158 0.65 1.48 7.86
C THR B 158 1.09 0.04 7.80
N LEU B 159 0.47 -0.76 6.93
CA LEU B 159 0.83 -2.17 6.83
C LEU B 159 2.26 -2.34 6.34
N MET B 160 2.69 -1.52 5.36
CA MET B 160 4.07 -1.60 4.90
C MET B 160 5.05 -1.16 5.99
N ALA B 161 4.68 -0.14 6.78
CA ALA B 161 5.55 0.33 7.85
C ALA B 161 5.66 -0.71 8.97
N LEU B 162 4.54 -1.34 9.34
CA LEU B 162 4.61 -2.45 10.29
C LEU B 162 5.50 -3.56 9.77
N VAL B 163 5.42 -3.85 8.48
CA VAL B 163 6.30 -4.85 7.88
C VAL B 163 7.75 -4.40 7.97
N TRP B 164 8.01 -3.12 7.67
CA TRP B 164 9.37 -2.59 7.80
C TRP B 164 9.92 -2.77 9.21
N GLU B 165 9.12 -2.36 10.22
CA GLU B 165 9.53 -2.49 11.62
C GLU B 165 9.95 -3.91 11.95
N ALA B 166 9.16 -4.89 11.49
CA ALA B 166 9.41 -6.29 11.85
C ALA B 166 10.67 -6.83 11.20
N HIS B 167 11.13 -6.20 10.11
CA HIS B 167 12.39 -6.60 9.52
C HIS B 167 13.58 -5.96 10.22
N HIS B 168 13.31 -5.13 11.22
CA HIS B 168 14.38 -4.44 11.95
C HIS B 168 14.31 -4.59 13.48
N VAL B 169 13.27 -5.24 14.02
CA VAL B 169 13.15 -5.36 15.47
C VAL B 169 14.33 -6.11 16.05
N ALA B 170 14.85 -7.11 15.33
CA ALA B 170 15.99 -7.86 15.83
C ALA B 170 17.24 -7.00 15.98
N LYS B 171 17.35 -5.91 15.22
CA LYS B 171 18.56 -5.09 15.19
C LYS B 171 18.19 -3.62 15.09
N PRO B 172 17.57 -3.07 16.15
CA PRO B 172 17.10 -1.68 16.10
C PRO B 172 18.21 -0.67 15.86
N GLU B 173 19.44 -1.02 16.26
CA GLU B 173 20.56 -0.13 16.03
C GLU B 173 20.99 -0.05 14.57
N GLY B 174 20.50 -0.95 13.70
CA GLY B 174 20.73 -0.80 12.27
C GLY B 174 19.85 0.21 11.55
N VAL B 175 18.93 0.87 12.25
CA VAL B 175 17.95 1.76 11.64
C VAL B 175 18.44 3.21 11.72
N ALA B 176 18.39 3.93 10.62
CA ALA B 176 18.71 5.35 10.68
C ALA B 176 17.61 6.13 11.39
N LEU B 177 18.03 7.06 12.26
CA LEU B 177 17.07 7.93 12.95
C LEU B 177 16.15 8.64 11.97
N ALA B 178 16.71 9.19 10.89
CA ALA B 178 15.85 9.91 9.94
C ALA B 178 14.81 8.99 9.32
N THR B 179 15.16 7.72 9.10
CA THR B 179 14.22 6.78 8.53
C THR B 179 13.15 6.43 9.53
N TYR B 180 13.54 6.20 10.79
CA TYR B 180 12.56 5.95 11.84
C TYR B 180 11.60 7.13 11.98
N LEU B 181 12.13 8.35 11.98
CA LEU B 181 11.25 9.51 12.09
C LEU B 181 10.24 9.56 10.94
N ALA B 182 10.63 9.15 9.74
CA ALA B 182 9.71 9.17 8.60
C ALA B 182 8.70 8.02 8.63
N MET B 183 9.09 6.86 9.15
CA MET B 183 8.25 5.68 9.16
C MET B 183 7.28 5.65 10.35
N ARG B 184 7.71 6.18 11.50
CA ARG B 184 6.92 6.04 12.72
C ARG B 184 5.52 6.62 12.64
N PRO B 185 5.26 7.77 11.99
CA PRO B 185 3.86 8.22 11.82
C PRO B 185 2.94 7.14 11.28
N HIS B 186 3.43 6.22 10.44
CA HIS B 186 2.57 5.19 9.89
C HIS B 186 2.29 4.05 10.88
N THR B 187 3.18 3.78 11.84
CA THR B 187 2.90 2.71 12.82
C THR B 187 2.21 3.24 14.07
N VAL B 188 2.15 4.55 14.27
CA VAL B 188 1.35 5.10 15.35
C VAL B 188 -0.09 5.37 14.91
N PHE B 189 -0.39 5.22 13.61
CA PHE B 189 -1.74 5.19 13.02
C PHE B 189 -2.29 6.59 12.79
N ILE B 190 -1.45 7.63 12.89
CA ILE B 190 -1.95 9.00 12.87
C ILE B 190 -2.61 9.36 11.54
N LYS B 191 -2.15 8.81 10.43
CA LYS B 191 -2.73 9.18 9.15
C LYS B 191 -4.13 8.58 8.99
N THR B 192 -4.33 7.36 9.47
CA THR B 192 -5.65 6.75 9.42
C THR B 192 -6.64 7.49 10.31
N ILE B 193 -6.18 7.92 11.49
CA ILE B 193 -7.04 8.69 12.37
C ILE B 193 -7.40 10.02 11.73
N THR B 194 -6.45 10.67 11.08
CA THR B 194 -6.76 11.94 10.43
C THR B 194 -7.72 11.74 9.25
N ALA B 195 -7.47 10.70 8.43
CA ALA B 195 -8.33 10.43 7.27
C ALA B 195 -9.75 10.04 7.70
N ALA B 196 -9.87 9.19 8.72
CA ALA B 196 -11.18 8.90 9.27
C ALA B 196 -11.82 10.14 9.88
N GLY B 197 -11.00 11.06 10.39
CA GLY B 197 -11.52 12.28 10.95
C GLY B 197 -12.21 13.15 9.92
N GLU B 198 -11.61 13.28 8.74
CA GLU B 198 -12.26 14.08 7.70
C GLU B 198 -13.61 13.50 7.34
N ILE B 199 -13.70 12.18 7.26
CA ILE B 199 -14.95 11.52 6.93
C ILE B 199 -16.00 11.78 8.01
N LEU B 200 -15.66 11.50 9.27
CA LEU B 200 -16.65 11.64 10.34
C LEU B 200 -16.99 13.09 10.64
N LEU B 201 -16.03 14.00 10.52
CA LEU B 201 -16.26 15.42 10.77
C LEU B 201 -16.80 16.18 9.57
N GLY B 202 -16.93 15.53 8.42
CA GLY B 202 -17.62 16.15 7.30
C GLY B 202 -16.88 17.28 6.63
N TYR B 203 -15.56 17.21 6.58
CA TYR B 203 -14.80 18.17 5.79
C TYR B 203 -13.79 17.41 4.94
N GLU B 204 -13.22 18.11 3.98
CA GLU B 204 -12.27 17.47 3.08
C GLU B 204 -11.44 18.57 2.44
N LEU B 205 -10.13 18.36 2.43
CA LEU B 205 -9.23 19.27 1.76
C LEU B 205 -9.04 18.85 0.31
N THR B 206 -8.90 19.84 -0.57
CA THR B 206 -8.45 19.66 -1.94
C THR B 206 -6.94 19.42 -1.98
N ASP B 207 -6.48 18.87 -3.11
CA ASP B 207 -5.06 18.52 -3.23
C ASP B 207 -4.17 19.76 -3.18
N THR B 208 -4.69 20.92 -3.56
CA THR B 208 -3.91 22.15 -3.43
C THR B 208 -3.85 22.65 -1.99
N GLN B 209 -4.89 22.40 -1.19
CA GLN B 209 -4.84 22.70 0.24
C GLN B 209 -3.90 21.73 0.97
N ARG B 210 -3.87 20.46 0.56
CA ARG B 210 -2.98 19.50 1.21
C ARG B 210 -1.52 19.81 0.93
N ALA B 211 -1.23 20.47 -0.19
CA ALA B 211 0.15 20.86 -0.48
C ALA B 211 0.58 22.13 0.24
N LEU B 212 -0.33 22.88 0.84
CA LEU B 212 0.05 24.08 1.59
C LEU B 212 1.08 23.74 2.66
N ALA B 213 2.18 24.48 2.67
CA ALA B 213 3.18 24.30 3.72
C ALA B 213 2.55 24.38 5.09
N ALA B 214 1.53 25.24 5.27
CA ALA B 214 0.88 25.36 6.56
C ALA B 214 0.23 24.05 6.99
N VAL B 215 -0.41 23.35 6.04
CA VAL B 215 -1.02 22.07 6.37
C VAL B 215 0.05 21.00 6.62
N ARG B 216 1.01 20.88 5.69
CA ARG B 216 2.03 19.85 5.79
C ARG B 216 2.81 19.96 7.08
N ASN B 217 3.20 21.18 7.45
CA ASN B 217 4.05 21.38 8.62
C ASN B 217 3.33 21.05 9.91
N LEU B 218 2.04 21.39 10.01
CA LEU B 218 1.27 20.99 11.19
C LEU B 218 1.10 19.48 11.22
N GLU B 219 0.83 18.87 10.06
CA GLU B 219 0.67 17.42 10.00
C GLU B 219 1.96 16.72 10.41
N THR B 220 3.10 17.21 9.91
CA THR B 220 4.38 16.65 10.31
C THR B 220 4.61 16.76 11.82
N ALA B 221 4.32 17.94 12.38
CA ALA B 221 4.52 18.17 13.81
C ALA B 221 3.64 17.27 14.68
N VAL B 222 2.38 17.10 14.28
CA VAL B 222 1.45 16.25 15.03
C VAL B 222 1.86 14.79 14.91
N ALA B 223 2.29 14.37 13.71
CA ALA B 223 2.74 12.98 13.53
C ALA B 223 4.00 12.71 14.33
N ASN B 224 4.93 13.66 14.36
CA ASN B 224 6.10 13.49 15.23
C ASN B 224 5.66 13.37 16.69
N LEU B 225 4.87 14.33 17.18
CA LEU B 225 4.45 14.28 18.58
C LEU B 225 3.82 12.94 18.93
N ALA B 226 2.89 12.46 18.09
CA ALA B 226 2.13 11.26 18.41
C ALA B 226 3.02 10.03 18.50
N GLY B 227 3.91 9.83 17.53
CA GLY B 227 4.82 8.70 17.62
C GLY B 227 5.80 8.81 18.79
N TRP B 228 6.33 10.00 19.02
CA TRP B 228 7.38 10.13 20.03
C TRP B 228 6.83 9.95 21.45
N ILE B 229 5.72 10.63 21.78
CA ILE B 229 5.14 10.43 23.11
C ILE B 229 4.73 8.98 23.31
N ASN B 230 4.31 8.28 22.24
CA ASN B 230 4.00 6.87 22.41
C ASN B 230 5.26 6.07 22.71
N ASP B 231 6.37 6.40 22.02
CA ASP B 231 7.65 5.75 22.30
C ASP B 231 8.05 5.94 23.76
N LEU B 232 7.96 7.17 24.27
CA LEU B 232 8.42 7.44 25.63
C LEU B 232 7.50 6.80 26.67
N ALA B 233 6.18 6.89 26.46
CA ALA B 233 5.22 6.32 27.39
C ALA B 233 5.31 4.80 27.47
N SER B 234 5.83 4.13 26.45
CA SER B 234 5.87 2.68 26.47
C SER B 234 7.26 2.12 26.67
N TYR B 235 8.30 2.97 26.76
CA TYR B 235 9.67 2.46 26.73
C TYR B 235 9.97 1.62 27.97
N GLU B 236 9.65 2.13 29.17
CA GLU B 236 9.96 1.34 30.36
C GLU B 236 9.13 0.07 30.39
N ARG B 237 7.89 0.17 29.93
CA ARG B 237 7.03 -1.01 29.84
C ARG B 237 7.70 -2.08 28.99
N GLU B 238 8.07 -1.74 27.76
CA GLU B 238 8.53 -2.72 26.78
C GLU B 238 10.00 -3.10 26.90
N MET B 239 10.77 -2.47 27.78
CA MET B 239 12.09 -3.05 28.02
C MET B 239 12.08 -4.05 29.16
N GLN B 240 11.45 -3.70 30.30
CA GLN B 240 11.27 -4.63 31.41
C GLN B 240 10.57 -5.91 30.98
N ARG B 241 9.97 -5.93 29.79
CA ARG B 241 9.47 -7.14 29.14
C ARG B 241 10.56 -8.12 28.79
N GLY B 242 11.81 -7.89 29.20
CA GLY B 242 12.88 -8.80 28.87
C GLY B 242 13.59 -8.45 27.58
N ARG B 243 13.22 -9.11 26.48
CA ARG B 243 13.94 -9.01 25.22
C ARG B 243 14.18 -7.57 24.78
N GLY B 244 15.45 -7.17 24.79
CA GLY B 244 15.99 -6.10 23.99
C GLY B 244 15.55 -4.66 24.20
N GLN B 245 16.38 -3.75 23.70
CA GLN B 245 15.97 -2.35 23.52
C GLN B 245 14.93 -2.30 22.41
N PRO B 246 13.83 -1.56 22.59
CA PRO B 246 12.82 -1.47 21.52
C PRO B 246 13.28 -0.61 20.36
N LEU B 247 12.63 -0.81 19.22
CA LEU B 247 12.84 0.07 18.07
C LEU B 247 11.95 1.27 18.31
N SER B 248 12.51 2.28 18.96
CA SER B 248 11.80 3.50 19.30
C SER B 248 12.80 4.64 19.45
N LEU B 249 12.27 5.85 19.63
CA LEU B 249 13.09 7.05 19.63
C LEU B 249 14.23 7.02 20.65
N PRO B 250 14.00 6.69 21.93
CA PRO B 250 15.13 6.75 22.90
C PRO B 250 16.26 5.80 22.56
N THR B 251 15.93 4.65 21.97
CA THR B 251 16.96 3.70 21.56
C THR B 251 17.88 4.30 20.50
N LEU B 252 17.29 4.91 19.48
CA LEU B 252 18.10 5.41 18.37
C LEU B 252 18.89 6.64 18.79
N LEU B 253 18.32 7.48 19.66
CA LEU B 253 19.10 8.60 20.18
C LEU B 253 20.28 8.08 21.00
N HIS B 254 20.03 7.03 21.78
CA HIS B 254 21.06 6.40 22.62
C HIS B 254 22.23 5.89 21.75
N ALA B 255 21.92 5.21 20.65
CA ALA B 255 22.97 4.75 19.76
C ALA B 255 23.72 5.93 19.12
N ARG B 256 23.05 7.06 18.89
CA ARG B 256 23.61 8.15 18.11
C ARG B 256 24.59 8.98 18.90
N HIS B 257 24.29 9.18 20.18
CA HIS B 257 25.03 10.10 21.01
C HIS B 257 25.71 9.43 22.20
N GLY B 258 25.53 8.12 22.36
CA GLY B 258 26.05 7.53 23.58
C GLY B 258 25.33 8.10 24.79
N GLY B 259 26.07 8.28 25.88
CA GLY B 259 25.41 8.71 27.11
C GLY B 259 24.57 7.57 27.67
N THR B 260 23.63 7.94 28.54
CA THR B 260 22.77 6.98 29.23
C THR B 260 21.37 7.02 28.64
N ILE B 261 20.60 5.98 28.96
CA ILE B 261 19.20 5.96 28.53
C ILE B 261 18.46 7.17 29.11
N GLU B 262 18.80 7.54 30.35
CA GLU B 262 18.21 8.74 30.96
C GLU B 262 18.49 9.97 30.13
N GLU B 263 19.73 10.11 29.65
CA GLU B 263 20.08 11.24 28.79
C GLU B 263 19.30 11.21 27.49
N ALA B 264 19.05 10.02 26.95
CA ALA B 264 18.27 9.91 25.73
C ALA B 264 16.82 10.34 25.96
N PHE B 265 16.27 10.02 27.14
CA PHE B 265 14.90 10.44 27.45
C PHE B 265 14.78 11.95 27.58
N THR B 266 15.80 12.60 28.13
CA THR B 266 15.73 14.04 28.31
C THR B 266 15.72 14.78 26.98
N ARG B 267 16.59 14.38 26.03
CA ARG B 267 16.55 15.05 24.74
C ARG B 267 15.28 14.68 23.98
N ALA B 268 14.81 13.44 24.13
CA ALA B 268 13.54 13.09 23.50
C ALA B 268 12.40 13.91 24.08
N SER B 269 12.42 14.14 25.41
CA SER B 269 11.38 14.96 26.04
C SER B 269 11.47 16.39 25.56
N SER B 270 12.69 16.89 25.40
CA SER B 270 12.90 18.21 24.84
C SER B 270 12.41 18.26 23.40
N MET B 271 12.68 17.21 22.64
CA MET B 271 12.22 17.15 21.25
C MET B 271 10.70 17.24 21.17
N CYS B 272 10.00 16.51 22.05
CA CYS B 272 8.54 16.54 22.02
C CYS B 272 7.99 17.91 22.34
N GLU B 273 8.56 18.58 23.35
CA GLU B 273 8.06 19.90 23.74
C GLU B 273 8.34 20.95 22.69
N ASN B 274 9.49 20.87 22.00
CA ASN B 274 9.68 21.73 20.84
C ASN B 274 8.69 21.38 19.74
N GLU B 275 8.46 20.09 19.51
CA GLU B 275 7.51 19.67 18.48
C GLU B 275 6.07 20.03 18.86
N ALA B 276 5.74 19.97 20.15
CA ALA B 276 4.41 20.40 20.59
C ALA B 276 4.23 21.89 20.38
N ALA B 277 5.29 22.67 20.59
CA ALA B 277 5.22 24.11 20.37
C ALA B 277 5.01 24.43 18.90
N VAL B 278 5.66 23.68 18.00
CA VAL B 278 5.46 23.89 16.56
C VAL B 278 4.04 23.53 16.16
N ALA B 279 3.49 22.44 16.68
CA ALA B 279 2.11 22.10 16.38
C ALA B 279 1.17 23.23 16.80
N ARG B 280 1.37 23.75 18.02
CA ARG B 280 0.47 24.79 18.55
C ARG B 280 0.54 26.05 17.71
N ARG B 281 1.73 26.47 17.29
CA ARG B 281 1.79 27.61 16.38
C ARG B 281 1.10 27.29 15.07
N GLY B 282 1.23 26.04 14.62
CA GLY B 282 0.58 25.64 13.37
C GLY B 282 -0.93 25.64 13.48
N ILE B 283 -1.45 25.21 14.64
CA ILE B 283 -2.90 25.23 14.84
C ILE B 283 -3.41 26.66 14.86
N THR B 284 -2.67 27.57 15.50
CA THR B 284 -3.05 28.98 15.52
C THR B 284 -3.00 29.60 14.13
N HIS B 285 -1.92 29.33 13.40
CA HIS B 285 -1.75 29.90 12.07
C HIS B 285 -2.84 29.40 11.12
N LEU B 286 -3.19 28.11 11.22
CA LEU B 286 -4.23 27.54 10.37
C LEU B 286 -5.65 27.90 10.81
N ALA B 287 -5.90 28.11 12.12
CA ALA B 287 -7.25 28.46 12.54
C ALA B 287 -7.64 29.86 12.07
N HIS B 288 -6.67 30.67 11.67
CA HIS B 288 -6.89 31.99 11.09
C HIS B 288 -7.12 31.92 9.59
N ALA B 289 -7.21 30.71 9.04
CA ALA B 289 -7.56 30.55 7.64
C ALA B 289 -9.01 30.96 7.40
N SER B 290 -9.25 31.55 6.24
CA SER B 290 -10.62 31.84 5.85
C SER B 290 -11.42 30.59 5.49
N PRO B 291 -10.92 29.66 4.67
CA PRO B 291 -11.76 28.49 4.32
C PRO B 291 -12.12 27.64 5.53
N ASN B 292 -13.38 27.19 5.55
CA ASN B 292 -13.84 26.35 6.65
C ASN B 292 -13.11 25.01 6.69
N ALA B 293 -12.60 24.54 5.55
CA ALA B 293 -11.97 23.22 5.54
C ALA B 293 -10.61 23.26 6.21
N LEU B 294 -9.85 24.34 6.00
CA LEU B 294 -8.58 24.50 6.69
C LEU B 294 -8.77 24.70 8.19
N THR B 295 -9.73 25.55 8.58
CA THR B 295 -9.92 25.79 9.99
C THR B 295 -10.51 24.58 10.68
N ALA B 296 -11.29 23.77 9.97
CA ALA B 296 -11.78 22.53 10.54
C ALA B 296 -10.65 21.52 10.71
N HIS B 297 -9.71 21.49 9.75
CA HIS B 297 -8.57 20.58 9.81
C HIS B 297 -7.68 20.90 11.00
N ALA B 298 -7.35 22.17 11.19
CA ALA B 298 -6.56 22.58 12.36
C ALA B 298 -7.23 22.14 13.65
N ARG B 299 -8.54 22.38 13.77
CA ARG B 299 -9.24 22.00 14.99
C ARG B 299 -9.33 20.49 15.15
N ALA B 300 -9.49 19.76 14.05
CA ALA B 300 -9.53 18.30 14.14
C ALA B 300 -8.19 17.76 14.62
N LEU B 301 -7.10 18.30 14.09
CA LEU B 301 -5.77 17.86 14.48
C LEU B 301 -5.44 18.27 15.91
N GLU B 302 -6.00 19.38 16.38
CA GLU B 302 -5.85 19.74 17.79
C GLU B 302 -6.43 18.65 18.70
N ASP B 303 -7.66 18.17 18.41
CA ASP B 303 -8.28 17.19 19.28
C ASP B 303 -7.60 15.82 19.18
N ILE B 304 -7.19 15.44 17.96
CA ILE B 304 -6.48 14.19 17.75
C ILE B 304 -5.24 14.14 18.61
N THR B 305 -4.50 15.25 18.64
CA THR B 305 -3.29 15.38 19.45
C THR B 305 -3.61 15.36 20.94
N ARG B 306 -4.58 16.18 21.36
CA ARG B 306 -4.98 16.20 22.77
C ARG B 306 -5.26 14.79 23.25
N SER B 307 -5.85 13.96 22.38
CA SER B 307 -6.16 12.59 22.77
C SER B 307 -4.94 11.67 22.80
N PHE B 308 -3.93 11.93 21.96
CA PHE B 308 -2.71 11.15 22.06
C PHE B 308 -2.00 11.45 23.39
N ILE B 309 -1.98 12.73 23.78
CA ILE B 309 -1.44 13.12 25.07
C ILE B 309 -2.21 12.48 26.20
N TRP B 310 -3.54 12.48 26.09
CA TRP B 310 -4.38 11.92 27.12
C TRP B 310 -4.09 10.44 27.32
N HIS B 311 -3.95 9.67 26.24
CA HIS B 311 -3.64 8.22 26.38
C HIS B 311 -2.36 7.99 27.18
N THR B 312 -1.42 8.93 27.20
CA THR B 312 -0.23 8.73 28.03
C THR B 312 -0.58 8.83 29.51
N SER B 313 -1.45 9.76 29.88
CA SER B 313 -1.99 9.84 31.25
C SER B 313 -2.78 8.59 31.56
N HIS B 314 -4.09 8.64 31.27
CA HIS B 314 -4.97 7.48 31.33
C HIS B 314 -4.37 6.29 30.60
C1 PEG C . 4.87 -2.60 -22.91
O1 PEG C . 5.36 -3.66 -22.11
C2 PEG C . 3.61 -1.92 -22.33
O2 PEG C . 2.45 -2.74 -22.35
C3 PEG C . 2.17 -3.30 -21.07
C4 PEG C . 1.99 -4.81 -21.17
O4 PEG C . 3.16 -5.46 -20.77
C1 PEG D . -12.24 -17.07 -13.49
O1 PEG D . -11.72 -16.96 -12.19
C2 PEG D . -12.03 -15.83 -14.31
O2 PEG D . -12.77 -14.72 -13.79
C3 PEG D . -13.97 -14.45 -14.47
C4 PEG D . -14.89 -15.61 -14.34
O4 PEG D . -16.05 -15.45 -15.06
C1 PEG E . -10.35 -15.41 -35.20
O1 PEG E . -9.79 -16.65 -35.40
C2 PEG E . -10.72 -14.72 -36.46
O2 PEG E . -10.45 -13.33 -36.40
C3 PEG E . -9.92 -12.79 -37.61
C4 PEG E . -8.44 -12.66 -37.58
O4 PEG E . -7.98 -11.37 -37.89
C1 PEG F . 6.94 11.37 6.91
O1 PEG F . 6.48 10.16 7.37
C2 PEG F . 8.26 11.31 6.20
O2 PEG F . 8.22 12.05 5.00
C3 PEG F . 8.20 11.25 3.82
C4 PEG F . 6.95 11.50 3.05
O4 PEG F . 6.13 10.42 2.91
C1 GOL G . 4.50 -0.93 18.53
O1 GOL G . 5.84 -0.66 18.78
C2 GOL G . 4.48 -1.31 17.06
O2 GOL G . 5.13 -0.33 16.26
C3 GOL G . 5.17 -2.70 17.02
O3 GOL G . 4.57 -3.42 15.96
C1 PEG H . 20.44 3.82 14.86
O1 PEG H . 20.75 2.49 15.17
C2 PEG H . 20.70 4.74 15.98
O2 PEG H . 20.99 6.05 15.53
C3 PEG H . 22.20 6.52 16.08
C4 PEG H . 23.38 6.26 15.20
O4 PEG H . 24.08 5.12 15.55
#